data_7LBN
#
_entry.id   7LBN
#
_cell.length_a   97.481
_cell.length_b   80.729
_cell.length_c   51.579
_cell.angle_alpha   90.00
_cell.angle_beta   114.36
_cell.angle_gamma   90.00
#
_symmetry.space_group_name_H-M   'C 1 2 1'
#
loop_
_entity.id
_entity.type
_entity.pdbx_description
1 polymer '3C-like proteinase'
2 polymer 'Calpain I Inhibitor'
3 non-polymer 'SULFATE ION'
4 water water
#
loop_
_entity_poly.entity_id
_entity_poly.type
_entity_poly.pdbx_seq_one_letter_code
_entity_poly.pdbx_strand_id
1 'polypeptide(L)'
;SGFRKMAFPSGKVEGCMVQVTCGTTTLNGLWLDDVVYCPRHVICTSEDMLNPNYEDLLIRKSNHNFLVQAGNVQLRVIGH
SMQNCVLKLKVDTANPKTPKYKFVRIQPGQTFSVLACYNGSPSGVYQCAMRPNFTIKGSFLNGSCGSVGFNIDYDCVSFC
YMHHMELPTGVHAGTDLEGNFYGPFVDRQTAQAAGTDTTITVNVLAWLYAAVINGDRWFLNRFTTTLNDFNLVAMKYNYE
PLTQDHVDILGPLSAQTGIAVLDMCASLKELLQNGMNGRTILGSALLEDEFTPFDVVRQCSGVTFQ
;
A
2 'polypeptide(L)' (ACE)LL(2DO) D
#
loop_
_chem_comp.id
_chem_comp.type
_chem_comp.name
_chem_comp.formula
ACE non-polymer 'ACETYL GROUP' 'C2 H4 O'
SO4 non-polymer 'SULFATE ION' 'O4 S -2'
#
# COMPACT_ATOMS: atom_id res chain seq x y z
N SER A 1 22.55 11.86 6.64
CA SER A 1 22.75 10.59 5.93
C SER A 1 21.86 9.51 6.49
N GLY A 2 21.90 8.37 5.80
CA GLY A 2 21.15 7.18 6.16
C GLY A 2 19.92 7.07 5.27
N PHE A 3 19.43 5.87 5.09
CA PHE A 3 18.25 5.64 4.22
C PHE A 3 17.43 4.54 4.83
N ARG A 4 16.20 4.87 5.22
CA ARG A 4 15.35 3.96 6.01
C ARG A 4 14.01 3.85 5.28
N LYS A 5 13.36 2.70 5.39
CA LYS A 5 11.95 2.59 5.00
C LYS A 5 11.16 3.41 6.02
N MET A 6 10.66 4.54 5.58
CA MET A 6 10.06 5.56 6.43
C MET A 6 8.59 5.77 6.12
N ALA A 7 7.74 5.67 7.12
CA ALA A 7 6.30 5.90 6.97
C ALA A 7 5.99 7.37 7.19
N PHE A 8 4.87 7.86 6.68
CA PHE A 8 4.36 9.19 7.06
C PHE A 8 3.98 9.18 8.55
N PRO A 9 4.06 10.35 9.20
CA PRO A 9 3.56 10.52 10.55
C PRO A 9 2.07 10.18 10.55
N SER A 10 1.62 9.39 11.50
CA SER A 10 0.30 8.71 11.39
C SER A 10 -0.80 9.46 12.14
N GLY A 11 -0.47 10.51 12.89
CA GLY A 11 -1.43 11.21 13.78
C GLY A 11 -2.73 11.59 13.10
N LYS A 12 -2.66 12.14 11.88
CA LYS A 12 -3.90 12.60 11.16
C LYS A 12 -4.82 11.42 10.89
N VAL A 13 -4.25 10.24 10.68
CA VAL A 13 -5.04 9.02 10.42
C VAL A 13 -5.49 8.38 11.73
N GLU A 14 -4.64 8.33 12.76
CA GLU A 14 -5.05 7.82 14.07
C GLU A 14 -6.38 8.43 14.50
N GLY A 15 -6.57 9.74 14.29
CA GLY A 15 -7.76 10.46 14.76
C GLY A 15 -9.01 10.06 14.00
N CYS A 16 -8.89 9.26 12.94
CA CYS A 16 -10.03 8.82 12.10
C CYS A 16 -10.39 7.36 12.38
N MET A 17 -9.62 6.62 13.17
CA MET A 17 -9.85 5.16 13.29
C MET A 17 -10.92 4.90 14.34
N VAL A 18 -11.89 4.05 13.98
CA VAL A 18 -12.99 3.61 14.87
C VAL A 18 -13.14 2.09 14.74
N GLN A 19 -13.94 1.51 15.63
CA GLN A 19 -14.28 0.08 15.67
C GLN A 19 -15.71 -0.07 15.14
N VAL A 20 -15.93 -1.04 14.25
CA VAL A 20 -17.26 -1.38 13.71
C VAL A 20 -17.53 -2.84 13.98
N THR A 21 -18.65 -3.15 14.62
CA THR A 21 -19.01 -4.53 14.99
C THR A 21 -20.39 -4.83 14.41
N CYS A 22 -20.48 -5.94 13.69
CA CYS A 22 -21.75 -6.58 13.25
C CYS A 22 -21.76 -8.01 13.76
N GLY A 23 -22.76 -8.35 14.55
CA GLY A 23 -22.83 -9.66 15.22
C GLY A 23 -21.53 -9.92 15.94
N THR A 24 -20.79 -10.94 15.53
CA THR A 24 -19.55 -11.40 16.20
C THR A 24 -18.34 -10.94 15.41
N THR A 25 -18.51 -10.16 14.35
CA THR A 25 -17.39 -9.62 13.54
C THR A 25 -17.06 -8.20 13.98
N THR A 26 -15.84 -7.98 14.42
CA THR A 26 -15.33 -6.63 14.70
C THR A 26 -14.21 -6.34 13.68
N LEU A 27 -14.23 -5.16 13.09
CA LEU A 27 -13.07 -4.69 12.30
C LEU A 27 -13.00 -3.17 12.42
N ASN A 28 -12.10 -2.55 11.67
CA ASN A 28 -11.85 -1.09 11.81
C ASN A 28 -12.64 -0.33 10.76
N GLY A 29 -12.98 0.90 11.10
CA GLY A 29 -13.58 1.86 10.18
C GLY A 29 -12.79 3.14 10.11
N LEU A 30 -13.01 3.90 9.05
CA LEU A 30 -12.39 5.22 8.84
C LEU A 30 -13.51 6.28 8.93
N TRP A 31 -13.40 7.15 9.93
CA TRP A 31 -14.43 8.15 10.29
C TRP A 31 -13.97 9.50 9.75
N LEU A 32 -14.64 9.98 8.68
CA LEU A 32 -14.31 11.26 8.02
C LEU A 32 -15.62 12.03 7.91
N ASP A 33 -15.65 13.25 8.41
CA ASP A 33 -16.90 14.04 8.52
C ASP A 33 -17.90 13.11 9.20
N ASP A 34 -19.13 12.98 8.70
CA ASP A 34 -20.18 12.18 9.39
C ASP A 34 -20.33 10.81 8.73
N VAL A 35 -19.26 10.26 8.15
CA VAL A 35 -19.32 8.91 7.49
C VAL A 35 -18.21 8.04 8.06
N VAL A 36 -18.56 6.78 8.32
CA VAL A 36 -17.61 5.71 8.66
C VAL A 36 -17.55 4.72 7.49
N TYR A 37 -16.36 4.56 6.95
CA TYR A 37 -16.05 3.64 5.83
C TYR A 37 -15.47 2.36 6.40
N CYS A 38 -15.97 1.21 5.98
CA CYS A 38 -15.40 -0.07 6.41
C CYS A 38 -15.66 -1.14 5.38
N PRO A 39 -14.90 -2.26 5.42
CA PRO A 39 -15.13 -3.39 4.50
C PRO A 39 -16.55 -3.92 4.63
N ARG A 40 -17.20 -4.14 3.49
CA ARG A 40 -18.59 -4.62 3.52
C ARG A 40 -18.63 -6.03 4.09
N HIS A 41 -17.53 -6.78 4.13
CA HIS A 41 -17.61 -8.18 4.61
C HIS A 41 -17.88 -8.23 6.12
N VAL A 42 -17.94 -7.08 6.81
CA VAL A 42 -18.39 -6.99 8.23
C VAL A 42 -19.80 -7.54 8.33
N ILE A 43 -20.60 -7.46 7.25
CA ILE A 43 -22.02 -7.90 7.32
C ILE A 43 -22.15 -9.39 7.00
N CYS A 44 -21.08 -10.08 6.60
CA CYS A 44 -21.06 -11.55 6.38
C CYS A 44 -21.18 -12.32 7.69
N THR A 45 -21.72 -13.52 7.61
CA THR A 45 -21.70 -14.56 8.67
C THR A 45 -20.83 -15.71 8.17
N SER A 46 -20.33 -16.55 9.08
CA SER A 46 -19.61 -17.82 8.75
C SER A 46 -20.43 -18.66 7.75
N GLU A 47 -21.77 -18.60 7.84
CA GLU A 47 -22.72 -19.49 7.11
C GLU A 47 -23.05 -18.95 5.71
N ASP A 48 -22.37 -17.92 5.20
CA ASP A 48 -22.58 -17.41 3.82
C ASP A 48 -21.27 -16.84 3.24
N MET A 49 -20.15 -17.51 3.44
CA MET A 49 -18.88 -17.00 2.87
C MET A 49 -18.72 -17.41 1.39
N LEU A 50 -19.34 -18.49 0.95
CA LEU A 50 -19.15 -19.01 -0.44
C LEU A 50 -19.56 -17.96 -1.49
N ASN A 51 -20.84 -17.72 -1.60
CA ASN A 51 -21.42 -16.72 -2.55
C ASN A 51 -22.37 -15.78 -1.81
N PRO A 52 -21.86 -14.91 -0.91
CA PRO A 52 -22.71 -13.94 -0.22
C PRO A 52 -23.31 -13.00 -1.28
N ASN A 53 -24.62 -12.76 -1.21
CA ASN A 53 -25.26 -11.64 -1.95
C ASN A 53 -25.28 -10.46 -0.99
N TYR A 54 -24.32 -9.56 -1.14
CA TYR A 54 -24.16 -8.43 -0.20
C TYR A 54 -25.36 -7.50 -0.29
N GLU A 55 -25.99 -7.35 -1.47
CA GLU A 55 -27.17 -6.47 -1.59
C GLU A 55 -28.28 -7.02 -0.66
N ASP A 56 -28.52 -8.33 -0.69
CA ASP A 56 -29.49 -9.00 0.21
C ASP A 56 -29.08 -8.84 1.68
N LEU A 57 -27.80 -9.08 2.01
CA LEU A 57 -27.34 -9.01 3.41
C LEU A 57 -27.54 -7.58 3.91
N LEU A 58 -27.29 -6.58 3.07
CA LEU A 58 -27.39 -5.18 3.52
C LEU A 58 -28.86 -4.80 3.66
N ILE A 59 -29.72 -5.25 2.76
CA ILE A 59 -31.17 -4.95 2.84
C ILE A 59 -31.70 -5.42 4.21
N ARG A 60 -31.17 -6.52 4.74
CA ARG A 60 -31.66 -7.16 5.99
C ARG A 60 -31.07 -6.44 7.21
N LYS A 61 -30.18 -5.48 7.02
CA LYS A 61 -29.59 -4.71 8.14
C LYS A 61 -30.44 -3.51 8.51
N SER A 62 -30.34 -3.14 9.79
CA SER A 62 -30.87 -1.90 10.39
C SER A 62 -29.66 -1.07 10.86
N ASN A 63 -29.80 0.25 10.95
CA ASN A 63 -28.72 1.13 11.49
C ASN A 63 -28.28 0.60 12.85
N HIS A 64 -29.22 0.10 13.69
CA HIS A 64 -28.92 -0.29 15.09
C HIS A 64 -28.07 -1.57 15.15
N ASN A 65 -27.99 -2.32 14.06
CA ASN A 65 -27.17 -3.58 13.98
C ASN A 65 -25.68 -3.21 13.97
N PHE A 66 -25.31 -2.00 13.53
CA PHE A 66 -23.91 -1.55 13.40
C PHE A 66 -23.49 -0.83 14.68
N LEU A 67 -22.57 -1.42 15.44
CA LEU A 67 -22.04 -0.78 16.66
C LEU A 67 -20.71 -0.11 16.28
N VAL A 68 -20.66 1.21 16.36
CA VAL A 68 -19.49 2.03 15.93
C VAL A 68 -18.97 2.72 17.18
N GLN A 69 -17.69 2.52 17.46
CA GLN A 69 -17.07 3.01 18.72
C GLN A 69 -15.82 3.79 18.34
N ALA A 70 -15.77 5.06 18.74
CA ALA A 70 -14.65 5.98 18.56
C ALA A 70 -14.06 6.18 19.95
N GLY A 71 -12.99 5.45 20.25
CA GLY A 71 -12.46 5.34 21.61
C GLY A 71 -13.51 4.74 22.51
N ASN A 72 -13.87 5.42 23.59
CA ASN A 72 -14.89 4.95 24.56
C ASN A 72 -16.23 5.62 24.30
N VAL A 73 -16.46 6.15 23.09
CA VAL A 73 -17.69 6.93 22.74
C VAL A 73 -18.41 6.18 21.62
N GLN A 74 -19.65 5.74 21.85
CA GLN A 74 -20.45 5.07 20.78
C GLN A 74 -20.99 6.12 19.81
N LEU A 75 -20.83 5.89 18.51
CA LEU A 75 -21.41 6.73 17.44
C LEU A 75 -22.73 6.09 17.01
N ARG A 76 -23.76 6.91 16.93
CA ARG A 76 -25.09 6.46 16.46
C ARG A 76 -25.08 6.45 14.93
N VAL A 77 -25.29 5.28 14.34
CA VAL A 77 -25.45 5.09 12.87
C VAL A 77 -26.86 5.54 12.47
N ILE A 78 -26.96 6.42 11.47
CA ILE A 78 -28.27 7.00 11.07
C ILE A 78 -28.52 6.72 9.60
N GLY A 79 -27.65 5.96 8.97
CA GLY A 79 -27.78 5.61 7.55
C GLY A 79 -26.72 4.59 7.20
N HIS A 80 -27.04 3.68 6.29
CA HIS A 80 -26.06 2.68 5.82
C HIS A 80 -26.23 2.52 4.32
N SER A 81 -25.14 2.43 3.60
CA SER A 81 -25.22 2.21 2.13
C SER A 81 -23.97 1.49 1.67
N MET A 82 -24.11 0.81 0.55
CA MET A 82 -22.96 0.08 0.02
C MET A 82 -22.33 0.90 -1.10
N GLN A 83 -21.03 0.86 -1.16
CA GLN A 83 -20.20 1.55 -2.18
C GLN A 83 -19.20 0.50 -2.68
N ASN A 84 -19.57 -0.28 -3.70
CA ASN A 84 -18.69 -1.38 -4.21
C ASN A 84 -18.42 -2.31 -3.03
N CYS A 85 -17.16 -2.50 -2.62
CA CYS A 85 -16.83 -3.45 -1.53
C CYS A 85 -16.66 -2.74 -0.20
N VAL A 86 -17.06 -1.48 -0.12
CA VAL A 86 -17.02 -0.73 1.16
C VAL A 86 -18.45 -0.39 1.56
N LEU A 87 -18.65 -0.29 2.86
CA LEU A 87 -19.89 0.19 3.48
C LEU A 87 -19.68 1.64 3.91
N LYS A 88 -20.68 2.48 3.69
CA LYS A 88 -20.70 3.87 4.20
C LYS A 88 -21.78 3.95 5.29
N LEU A 89 -21.33 4.08 6.53
CA LEU A 89 -22.23 4.22 7.70
C LEU A 89 -22.30 5.70 8.03
N LYS A 90 -23.45 6.32 7.74
CA LYS A 90 -23.68 7.73 8.12
C LYS A 90 -23.88 7.74 9.64
N VAL A 91 -23.21 8.65 10.34
CA VAL A 91 -23.29 8.76 11.82
C VAL A 91 -23.77 10.18 12.17
N ASP A 92 -24.27 10.39 13.37
CA ASP A 92 -24.97 11.67 13.72
C ASP A 92 -23.93 12.72 14.12
N THR A 93 -22.64 12.37 14.15
CA THR A 93 -21.54 13.25 14.62
C THR A 93 -20.45 13.34 13.54
N ALA A 94 -20.08 14.56 13.14
CA ALA A 94 -18.91 14.77 12.25
C ALA A 94 -17.64 14.59 13.10
N ASN A 95 -16.68 13.83 12.59
CA ASN A 95 -15.37 13.63 13.26
C ASN A 95 -14.69 14.99 13.38
N PRO A 96 -14.48 15.52 14.61
CA PRO A 96 -13.84 16.83 14.76
C PRO A 96 -12.37 16.79 14.33
N LYS A 97 -11.78 15.61 14.23
CA LYS A 97 -10.36 15.44 13.89
C LYS A 97 -10.22 15.09 12.40
N THR A 98 -11.29 15.22 11.60
CA THR A 98 -11.19 14.98 10.14
C THR A 98 -10.10 15.86 9.55
N PRO A 99 -9.04 15.28 8.94
CA PRO A 99 -8.04 16.11 8.27
C PRO A 99 -8.55 16.48 6.87
N LYS A 100 -7.85 17.40 6.22
CA LYS A 100 -7.99 17.63 4.76
C LYS A 100 -7.65 16.30 4.12
N TYR A 101 -8.49 15.77 3.23
CA TYR A 101 -8.21 14.43 2.68
C TYR A 101 -8.72 14.33 1.26
N LYS A 102 -8.21 13.30 0.58
CA LYS A 102 -8.66 12.89 -0.78
C LYS A 102 -8.69 11.37 -0.79
N PHE A 103 -9.53 10.79 -1.62
CA PHE A 103 -9.51 9.36 -1.98
C PHE A 103 -8.84 9.25 -3.35
N VAL A 104 -7.65 8.65 -3.39
CA VAL A 104 -6.83 8.53 -4.63
C VAL A 104 -6.63 7.04 -4.82
N ARG A 105 -6.61 6.59 -6.06
CA ARG A 105 -6.24 5.19 -6.29
C ARG A 105 -4.80 5.19 -6.77
N ILE A 106 -3.97 4.31 -6.23
CA ILE A 106 -2.55 4.30 -6.68
C ILE A 106 -2.31 3.27 -7.79
N GLN A 107 -1.17 3.41 -8.42
CA GLN A 107 -0.61 2.47 -9.39
C GLN A 107 0.29 1.45 -8.70
N PRO A 108 0.37 0.24 -9.28
CA PRO A 108 1.45 -0.69 -9.00
C PRO A 108 2.77 0.05 -9.13
N GLY A 109 3.65 -0.18 -8.16
CA GLY A 109 4.97 0.46 -8.10
C GLY A 109 5.00 1.65 -7.14
N GLN A 110 3.83 2.21 -6.81
N GLN A 110 3.84 2.17 -6.75
CA GLN A 110 3.69 3.33 -5.84
CA GLN A 110 3.79 3.32 -5.82
C GLN A 110 3.76 2.77 -4.41
C GLN A 110 3.68 2.80 -4.39
N THR A 111 4.15 3.64 -3.46
CA THR A 111 4.25 3.29 -2.04
C THR A 111 3.21 4.06 -1.24
N PHE A 112 2.99 3.60 -0.02
CA PHE A 112 2.10 4.28 0.91
C PHE A 112 2.37 3.73 2.30
N SER A 113 1.93 4.49 3.27
CA SER A 113 1.98 4.09 4.69
C SER A 113 0.70 3.34 5.05
N VAL A 114 0.87 2.29 5.84
CA VAL A 114 -0.22 1.50 6.45
C VAL A 114 -0.21 1.80 7.95
N LEU A 115 -1.37 2.19 8.47
CA LEU A 115 -1.60 2.23 9.93
C LEU A 115 -2.37 0.98 10.32
N ALA A 116 -1.64 -0.05 10.74
CA ALA A 116 -2.28 -1.30 11.15
C ALA A 116 -3.04 -1.01 12.44
N CYS A 117 -4.29 -1.44 12.50
CA CYS A 117 -5.21 -1.20 13.64
C CYS A 117 -5.96 -2.47 13.99
N TYR A 118 -6.31 -2.59 15.25
CA TYR A 118 -7.17 -3.68 15.80
C TYR A 118 -8.18 -3.04 16.75
N ASN A 119 -9.44 -3.42 16.63
CA ASN A 119 -10.51 -2.92 17.53
C ASN A 119 -10.53 -1.38 17.51
N GLY A 120 -10.32 -0.76 16.35
CA GLY A 120 -10.29 0.71 16.19
C GLY A 120 -9.08 1.36 16.83
N SER A 121 -8.09 0.58 17.31
CA SER A 121 -6.89 1.11 18.00
CA SER A 121 -6.89 1.11 18.00
C SER A 121 -5.63 0.90 17.14
N PRO A 122 -4.95 1.99 16.72
CA PRO A 122 -3.70 1.86 15.98
C PRO A 122 -2.64 1.06 16.73
N SER A 123 -1.98 0.12 16.05
CA SER A 123 -0.86 -0.63 16.66
C SER A 123 0.48 -0.30 16.04
N GLY A 124 0.55 0.05 14.77
CA GLY A 124 1.86 0.32 14.15
C GLY A 124 1.75 0.85 12.76
N VAL A 125 2.84 1.43 12.31
CA VAL A 125 2.87 2.13 11.01
C VAL A 125 4.07 1.63 10.22
N TYR A 126 3.86 1.36 8.93
CA TYR A 126 4.97 0.87 8.06
C TYR A 126 4.65 1.19 6.61
N GLN A 127 5.68 1.19 5.78
CA GLN A 127 5.54 1.44 4.34
C GLN A 127 5.28 0.13 3.60
N CYS A 128 4.50 0.23 2.54
CA CYS A 128 4.18 -0.87 1.59
C CYS A 128 4.32 -0.31 0.19
N ALA A 129 4.65 -1.14 -0.78
CA ALA A 129 4.46 -0.80 -2.20
C ALA A 129 3.28 -1.62 -2.71
N MET A 130 2.53 -1.05 -3.63
CA MET A 130 1.55 -1.81 -4.43
C MET A 130 2.37 -2.65 -5.41
N ARG A 131 2.35 -3.97 -5.28
CA ARG A 131 3.10 -4.85 -6.20
C ARG A 131 2.52 -4.75 -7.61
N PRO A 132 3.32 -5.07 -8.66
CA PRO A 132 2.81 -5.25 -10.02
C PRO A 132 1.59 -6.19 -10.07
N ASN A 133 1.49 -7.17 -9.17
CA ASN A 133 0.33 -8.12 -9.18
C ASN A 133 -0.83 -7.60 -8.33
N PHE A 134 -0.76 -6.35 -7.85
CA PHE A 134 -1.83 -5.65 -7.09
C PHE A 134 -2.01 -6.26 -5.70
N THR A 135 -0.99 -6.91 -5.16
CA THR A 135 -0.99 -7.31 -3.74
C THR A 135 -0.02 -6.38 -3.02
N ILE A 136 -0.06 -6.43 -1.69
CA ILE A 136 0.92 -5.72 -0.84
C ILE A 136 1.45 -6.73 0.15
N LYS A 137 2.73 -6.58 0.46
CA LYS A 137 3.40 -7.44 1.47
C LYS A 137 3.35 -6.68 2.79
N GLY A 138 2.26 -6.86 3.53
CA GLY A 138 2.01 -6.15 4.79
C GLY A 138 2.23 -7.00 6.00
N SER A 139 1.71 -6.52 7.10
CA SER A 139 1.70 -7.24 8.38
C SER A 139 0.33 -7.01 9.00
N PHE A 140 -0.50 -8.03 8.92
CA PHE A 140 -1.94 -7.95 9.23
C PHE A 140 -2.35 -9.26 9.89
N LEU A 141 -2.98 -9.17 11.06
CA LEU A 141 -3.57 -10.35 11.73
C LEU A 141 -5.09 -10.27 11.61
N ASN A 142 -5.81 -11.32 12.01
CA ASN A 142 -7.28 -11.22 12.08
C ASN A 142 -7.64 -9.97 12.90
N GLY A 143 -8.64 -9.22 12.45
CA GLY A 143 -9.06 -7.98 13.13
C GLY A 143 -8.53 -6.74 12.45
N SER A 144 -7.60 -6.88 11.51
CA SER A 144 -6.86 -5.76 10.88
C SER A 144 -7.69 -5.14 9.76
N CYS A 145 -8.73 -5.84 9.28
CA CYS A 145 -9.54 -5.31 8.15
C CYS A 145 -10.06 -3.91 8.45
N GLY A 146 -10.05 -3.07 7.44
CA GLY A 146 -10.42 -1.65 7.62
C GLY A 146 -9.25 -0.77 7.95
N SER A 147 -8.10 -1.33 8.30
CA SER A 147 -6.83 -0.55 8.36
C SER A 147 -6.60 0.08 7.00
N VAL A 148 -6.06 1.30 7.00
CA VAL A 148 -5.94 2.08 5.75
C VAL A 148 -4.47 2.37 5.41
N GLY A 149 -4.26 2.53 4.11
CA GLY A 149 -2.99 3.00 3.53
C GLY A 149 -3.17 4.41 3.00
N PHE A 150 -2.11 5.22 3.07
CA PHE A 150 -2.23 6.64 2.76
C PHE A 150 -0.84 7.23 2.47
N ASN A 151 -0.88 8.39 1.85
CA ASN A 151 0.25 9.31 1.64
C ASN A 151 -0.20 10.65 2.22
N ILE A 152 0.76 11.48 2.63
CA ILE A 152 0.42 12.84 3.08
C ILE A 152 1.19 13.82 2.20
N ASP A 153 0.48 14.78 1.59
CA ASP A 153 1.09 15.89 0.82
C ASP A 153 0.70 17.19 1.53
N TYR A 154 1.70 17.90 2.06
CA TYR A 154 1.55 19.08 2.93
C TYR A 154 0.63 18.69 4.08
N ASP A 155 -0.62 19.14 4.07
CA ASP A 155 -1.55 18.95 5.21
C ASP A 155 -2.63 17.93 4.82
N CYS A 156 -2.55 17.40 3.59
CA CYS A 156 -3.65 16.63 2.97
C CYS A 156 -3.34 15.13 2.99
N VAL A 157 -4.25 14.34 3.56
CA VAL A 157 -4.13 12.87 3.63
C VAL A 157 -4.77 12.29 2.36
N SER A 158 -3.98 11.63 1.52
CA SER A 158 -4.48 10.93 0.32
C SER A 158 -4.66 9.46 0.70
N PHE A 159 -5.88 9.03 1.02
CA PHE A 159 -6.19 7.62 1.35
C PHE A 159 -6.22 6.81 0.06
N CYS A 160 -5.48 5.71 0.03
CA CYS A 160 -5.35 4.91 -1.21
C CYS A 160 -5.72 3.45 -1.01
N TYR A 161 -5.84 2.95 0.21
CA TYR A 161 -5.95 1.50 0.48
C TYR A 161 -6.77 1.28 1.73
N MET A 162 -7.63 0.28 1.67
CA MET A 162 -8.31 -0.27 2.85
C MET A 162 -8.11 -1.78 2.80
N HIS A 163 -7.71 -2.35 3.92
CA HIS A 163 -7.35 -3.79 4.03
C HIS A 163 -8.63 -4.64 4.06
N HIS A 164 -8.67 -5.69 3.24
CA HIS A 164 -9.80 -6.67 3.25
C HIS A 164 -9.34 -8.11 3.50
N MET A 165 -8.17 -8.56 3.05
CA MET A 165 -7.95 -10.02 3.05
C MET A 165 -6.50 -10.42 2.93
N GLU A 166 -6.25 -11.65 3.33
CA GLU A 166 -4.93 -12.28 3.18
C GLU A 166 -5.09 -13.43 2.19
N LEU A 167 -4.22 -13.44 1.21
CA LEU A 167 -4.13 -14.50 0.19
C LEU A 167 -3.25 -15.62 0.71
N PRO A 168 -3.35 -16.81 0.11
CA PRO A 168 -2.66 -18.00 0.60
C PRO A 168 -1.13 -17.87 0.74
N THR A 169 -0.47 -17.05 -0.07
CA THR A 169 1.01 -16.88 0.05
C THR A 169 1.35 -15.95 1.21
N GLY A 170 0.38 -15.42 1.97
CA GLY A 170 0.69 -14.50 3.08
C GLY A 170 0.78 -13.05 2.62
N VAL A 171 0.36 -12.75 1.39
CA VAL A 171 0.28 -11.35 0.91
C VAL A 171 -1.16 -10.87 1.06
N HIS A 172 -1.34 -9.59 0.87
CA HIS A 172 -2.56 -8.87 1.31
C HIS A 172 -3.26 -8.23 0.12
N ALA A 173 -4.56 -8.13 0.22
CA ALA A 173 -5.34 -7.49 -0.85
C ALA A 173 -6.43 -6.64 -0.23
N GLY A 174 -6.78 -5.59 -0.93
CA GLY A 174 -7.84 -4.70 -0.48
C GLY A 174 -8.26 -3.78 -1.58
N THR A 175 -8.90 -2.70 -1.17
CA THR A 175 -9.61 -1.81 -2.10
C THR A 175 -9.01 -0.41 -1.99
N ASP A 176 -9.40 0.43 -2.93
CA ASP A 176 -9.32 1.90 -2.77
C ASP A 176 -10.46 2.31 -1.84
N LEU A 177 -10.57 3.59 -1.52
CA LEU A 177 -11.57 4.04 -0.52
C LEU A 177 -12.93 4.23 -1.20
N GLU A 178 -13.00 4.00 -2.53
CA GLU A 178 -14.30 3.90 -3.21
C GLU A 178 -14.78 2.46 -3.22
N GLY A 179 -14.04 1.53 -2.63
CA GLY A 179 -14.47 0.13 -2.47
C GLY A 179 -14.12 -0.73 -3.67
N ASN A 180 -13.24 -0.27 -4.57
CA ASN A 180 -12.84 -1.03 -5.77
C ASN A 180 -11.57 -1.79 -5.48
N PHE A 181 -11.61 -3.13 -5.61
CA PHE A 181 -10.39 -3.93 -5.33
C PHE A 181 -9.22 -3.52 -6.22
N TYR A 182 -8.03 -3.54 -5.61
CA TYR A 182 -6.76 -3.61 -6.36
C TYR A 182 -6.58 -5.07 -6.80
N GLY A 183 -6.53 -5.25 -8.10
CA GLY A 183 -6.31 -6.57 -8.71
C GLY A 183 -7.54 -7.46 -8.69
N PRO A 184 -7.34 -8.70 -9.18
CA PRO A 184 -8.45 -9.59 -9.52
C PRO A 184 -8.85 -10.41 -8.30
N PHE A 185 -9.26 -9.71 -7.24
CA PHE A 185 -9.62 -10.30 -5.94
C PHE A 185 -11.07 -9.93 -5.62
N VAL A 186 -11.73 -10.80 -4.87
CA VAL A 186 -13.14 -10.67 -4.45
C VAL A 186 -13.26 -10.93 -2.95
N ASP A 187 -14.24 -10.29 -2.31
CA ASP A 187 -14.55 -10.47 -0.87
C ASP A 187 -15.54 -11.62 -0.71
N ARG A 188 -15.16 -12.79 -1.21
CA ARG A 188 -15.97 -14.03 -1.14
C ARG A 188 -14.99 -15.19 -1.15
N GLN A 189 -15.45 -16.37 -0.71
CA GLN A 189 -14.57 -17.53 -0.46
C GLN A 189 -14.25 -18.23 -1.79
N THR A 190 -13.01 -18.11 -2.24
CA THR A 190 -12.55 -18.80 -3.47
C THR A 190 -11.12 -19.27 -3.22
N ALA A 191 -10.57 -19.99 -4.19
CA ALA A 191 -9.16 -20.44 -4.17
C ALA A 191 -8.28 -19.35 -4.78
N GLN A 192 -8.76 -18.10 -4.80
CA GLN A 192 -8.03 -16.95 -5.41
C GLN A 192 -6.62 -16.88 -4.83
N ALA A 193 -5.68 -16.52 -5.69
CA ALA A 193 -4.24 -16.50 -5.36
C ALA A 193 -3.60 -15.33 -6.09
N ALA A 194 -2.53 -14.81 -5.51
CA ALA A 194 -1.67 -13.79 -6.16
C ALA A 194 -1.24 -14.34 -7.52
N GLY A 195 -1.36 -13.53 -8.56
CA GLY A 195 -0.74 -13.82 -9.86
C GLY A 195 0.78 -13.61 -9.81
N THR A 196 1.45 -13.94 -10.90
CA THR A 196 2.93 -13.83 -10.97
C THR A 196 3.29 -12.36 -10.73
N ASP A 197 4.33 -12.13 -9.96
CA ASP A 197 4.80 -10.75 -9.65
C ASP A 197 6.11 -10.50 -10.39
N THR A 198 6.49 -9.24 -10.48
CA THR A 198 7.73 -8.80 -11.16
C THR A 198 8.40 -7.78 -10.26
N THR A 199 9.67 -7.48 -10.53
CA THR A 199 10.43 -6.47 -9.79
C THR A 199 10.22 -5.11 -10.44
N ILE A 200 10.07 -4.08 -9.61
CA ILE A 200 9.77 -2.70 -10.05
C ILE A 200 11.10 -2.02 -10.40
N THR A 201 11.49 -2.09 -11.65
CA THR A 201 12.85 -1.68 -12.10
C THR A 201 13.13 -0.23 -11.74
N VAL A 202 12.20 0.68 -12.03
CA VAL A 202 12.47 2.12 -11.78
C VAL A 202 12.78 2.31 -10.30
N ASN A 203 12.09 1.59 -9.41
CA ASN A 203 12.32 1.73 -7.95
C ASN A 203 13.71 1.20 -7.60
N VAL A 204 14.14 0.12 -8.21
CA VAL A 204 15.48 -0.43 -7.90
C VAL A 204 16.51 0.64 -8.28
N LEU A 205 16.35 1.27 -9.44
CA LEU A 205 17.30 2.33 -9.87
C LEU A 205 17.25 3.49 -8.88
N ALA A 206 16.06 3.87 -8.42
CA ALA A 206 15.92 4.97 -7.44
C ALA A 206 16.72 4.64 -6.17
N TRP A 207 16.67 3.39 -5.76
CA TRP A 207 17.33 2.93 -4.51
C TRP A 207 18.86 2.88 -4.73
N LEU A 208 19.32 2.47 -5.90
CA LEU A 208 20.77 2.57 -6.25
C LEU A 208 21.21 4.02 -6.15
N TYR A 209 20.40 4.99 -6.63
CA TYR A 209 20.73 6.42 -6.48
C TYR A 209 20.75 6.80 -4.99
N ALA A 210 19.79 6.33 -4.19
CA ALA A 210 19.80 6.56 -2.72
C ALA A 210 21.14 6.06 -2.14
N ALA A 211 21.58 4.88 -2.57
CA ALA A 211 22.81 4.25 -2.07
C ALA A 211 23.99 5.16 -2.41
N VAL A 212 24.05 5.66 -3.64
CA VAL A 212 25.16 6.54 -4.07
C VAL A 212 25.13 7.82 -3.21
N ILE A 213 23.95 8.40 -3.02
CA ILE A 213 23.82 9.67 -2.24
C ILE A 213 24.34 9.41 -0.82
N ASN A 214 24.20 8.17 -0.35
CA ASN A 214 24.56 7.76 1.02
C ASN A 214 25.97 7.10 1.06
N GLY A 215 26.71 7.15 -0.04
CA GLY A 215 28.14 6.78 -0.14
C GLY A 215 28.42 5.31 -0.41
N ASP A 216 27.46 4.51 -0.83
CA ASP A 216 27.73 3.15 -1.34
C ASP A 216 28.00 3.31 -2.83
N ARG A 217 29.22 3.03 -3.30
CA ARG A 217 29.57 3.26 -4.73
C ARG A 217 30.15 2.02 -5.41
N TRP A 218 30.31 0.92 -4.69
CA TRP A 218 31.12 -0.23 -5.14
C TRP A 218 30.56 -0.83 -6.44
N PHE A 219 29.24 -0.69 -6.68
CA PHE A 219 28.51 -1.31 -7.81
C PHE A 219 28.56 -0.39 -9.04
N LEU A 220 29.16 0.79 -8.91
CA LEU A 220 29.27 1.72 -10.07
C LEU A 220 30.34 1.20 -11.04
N ASN A 221 30.18 1.51 -12.32
CA ASN A 221 31.17 1.13 -13.35
C ASN A 221 31.20 2.21 -14.43
N ARG A 222 32.18 2.12 -15.31
CA ARG A 222 32.40 3.11 -16.38
C ARG A 222 31.44 2.87 -17.56
N PHE A 223 30.70 1.77 -17.56
CA PHE A 223 29.89 1.28 -18.70
C PHE A 223 28.58 2.05 -18.76
N THR A 224 28.07 2.29 -19.96
CA THR A 224 26.64 2.64 -20.16
C THR A 224 26.04 1.55 -21.04
N THR A 225 24.73 1.47 -21.07
CA THR A 225 23.98 0.54 -21.94
C THR A 225 22.95 1.37 -22.69
N THR A 226 22.33 0.79 -23.71
CA THR A 226 21.11 1.36 -24.31
C THR A 226 19.93 0.90 -23.45
N LEU A 227 18.85 1.68 -23.52
CA LEU A 227 17.55 1.31 -22.93
C LEU A 227 17.07 -0.04 -23.51
N ASN A 228 17.20 -0.25 -24.82
CA ASN A 228 16.79 -1.53 -25.47
C ASN A 228 17.60 -2.70 -24.90
N ASP A 229 18.93 -2.60 -24.82
CA ASP A 229 19.81 -3.70 -24.33
C ASP A 229 19.53 -3.94 -22.84
N PHE A 230 19.31 -2.87 -22.09
CA PHE A 230 18.93 -2.97 -20.67
C PHE A 230 17.63 -3.79 -20.55
N ASN A 231 16.61 -3.45 -21.32
CA ASN A 231 15.26 -4.09 -21.22
C ASN A 231 15.35 -5.57 -21.60
N LEU A 232 16.26 -5.95 -22.50
CA LEU A 232 16.51 -7.37 -22.87
C LEU A 232 16.95 -8.13 -21.62
N VAL A 233 17.84 -7.53 -20.82
CA VAL A 233 18.35 -8.13 -19.56
C VAL A 233 17.24 -8.12 -18.49
N ALA A 234 16.55 -7.00 -18.29
CA ALA A 234 15.42 -6.87 -17.33
C ALA A 234 14.40 -8.00 -17.56
N MET A 235 13.95 -8.16 -18.81
CA MET A 235 12.93 -9.18 -19.15
C MET A 235 13.41 -10.55 -18.64
N LYS A 236 14.71 -10.84 -18.82
CA LYS A 236 15.32 -12.15 -18.52
C LYS A 236 15.23 -12.40 -17.02
N TYR A 237 15.33 -11.37 -16.19
CA TYR A 237 15.35 -11.49 -14.70
C TYR A 237 14.01 -11.11 -14.08
N ASN A 238 12.96 -11.06 -14.88
CA ASN A 238 11.59 -10.84 -14.38
C ASN A 238 11.51 -9.43 -13.78
N TYR A 239 12.20 -8.48 -14.37
CA TYR A 239 12.10 -7.04 -14.05
C TYR A 239 11.11 -6.41 -15.03
N GLU A 240 10.39 -5.41 -14.57
CA GLU A 240 9.49 -4.63 -15.46
C GLU A 240 10.33 -3.92 -16.49
N PRO A 241 9.78 -3.68 -17.69
CA PRO A 241 10.43 -2.81 -18.66
C PRO A 241 10.66 -1.41 -18.09
N LEU A 242 11.80 -0.82 -18.43
CA LEU A 242 12.08 0.58 -18.10
C LEU A 242 11.71 1.45 -19.30
N THR A 243 10.88 2.46 -19.09
CA THR A 243 10.37 3.35 -20.16
C THR A 243 11.18 4.64 -20.16
N GLN A 244 11.08 5.41 -21.25
CA GLN A 244 11.68 6.77 -21.25
C GLN A 244 11.07 7.59 -20.11
N ASP A 245 9.77 7.40 -19.78
CA ASP A 245 9.16 8.18 -18.68
C ASP A 245 9.88 7.87 -17.36
N HIS A 246 10.25 6.62 -17.13
CA HIS A 246 11.04 6.22 -15.93
C HIS A 246 12.38 6.96 -15.94
N VAL A 247 13.05 6.99 -17.08
CA VAL A 247 14.35 7.69 -17.22
C VAL A 247 14.14 9.16 -16.84
N ASP A 248 13.07 9.77 -17.36
CA ASP A 248 12.80 11.21 -17.11
C ASP A 248 12.55 11.42 -15.62
N ILE A 249 11.77 10.54 -15.00
CA ILE A 249 11.41 10.63 -13.56
C ILE A 249 12.69 10.54 -12.71
N LEU A 250 13.66 9.74 -13.15
CA LEU A 250 14.98 9.55 -12.46
C LEU A 250 15.92 10.74 -12.74
N GLY A 251 15.49 11.71 -13.55
CA GLY A 251 16.28 12.89 -13.94
C GLY A 251 16.94 13.58 -12.75
N PRO A 252 16.16 14.07 -11.75
CA PRO A 252 16.73 14.79 -10.62
C PRO A 252 17.79 14.00 -9.84
N LEU A 253 17.55 12.71 -9.61
CA LEU A 253 18.51 11.84 -8.89
C LEU A 253 19.78 11.70 -9.75
N SER A 254 19.62 11.50 -11.06
CA SER A 254 20.72 11.52 -12.06
C SER A 254 21.54 12.82 -11.95
N ALA A 255 20.85 13.97 -11.90
CA ALA A 255 21.49 15.30 -11.86
C ALA A 255 22.28 15.41 -10.55
N GLN A 256 21.69 14.94 -9.46
CA GLN A 256 22.26 15.19 -8.11
C GLN A 256 23.56 14.37 -7.96
N THR A 257 23.57 13.15 -8.48
CA THR A 257 24.72 12.20 -8.35
C THR A 257 25.72 12.40 -9.48
N GLY A 258 25.30 13.05 -10.58
CA GLY A 258 26.07 13.14 -11.83
C GLY A 258 26.17 11.79 -12.52
N ILE A 259 25.32 10.81 -12.18
CA ILE A 259 25.36 9.47 -12.82
C ILE A 259 24.18 9.35 -13.76
N ALA A 260 24.45 9.21 -15.05
CA ALA A 260 23.40 9.14 -16.08
C ALA A 260 22.52 7.91 -15.79
N VAL A 261 21.24 7.99 -16.10
CA VAL A 261 20.33 6.85 -15.83
C VAL A 261 20.84 5.59 -16.55
N LEU A 262 21.24 5.67 -17.82
CA LEU A 262 21.66 4.45 -18.56
C LEU A 262 23.02 3.95 -18.04
N ASP A 263 23.78 4.79 -17.38
CA ASP A 263 25.02 4.41 -16.66
C ASP A 263 24.62 3.58 -15.43
N MET A 264 23.69 4.08 -14.64
CA MET A 264 23.17 3.30 -13.49
C MET A 264 22.54 2.00 -13.99
N CYS A 265 21.91 1.99 -15.18
CA CYS A 265 21.33 0.75 -15.76
C CYS A 265 22.42 -0.29 -16.01
N ALA A 266 23.62 0.14 -16.44
CA ALA A 266 24.76 -0.76 -16.68
C ALA A 266 25.17 -1.41 -15.34
N SER A 267 25.18 -0.64 -14.24
CA SER A 267 25.39 -1.18 -12.87
C SER A 267 24.35 -2.24 -12.52
N LEU A 268 23.07 -1.95 -12.75
CA LEU A 268 21.97 -2.90 -12.41
C LEU A 268 22.15 -4.19 -13.23
N LYS A 269 22.43 -4.07 -14.53
CA LYS A 269 22.65 -5.24 -15.41
C LYS A 269 23.76 -6.10 -14.79
N GLU A 270 24.87 -5.49 -14.38
CA GLU A 270 26.00 -6.24 -13.76
C GLU A 270 25.54 -6.90 -12.45
N LEU A 271 24.76 -6.20 -11.62
CA LEU A 271 24.27 -6.80 -10.36
C LEU A 271 23.34 -7.97 -10.64
N LEU A 272 22.51 -7.90 -11.69
CA LEU A 272 21.58 -9.01 -12.03
C LEU A 272 22.38 -10.21 -12.55
N GLN A 273 23.43 -9.95 -13.31
CA GLN A 273 24.21 -11.03 -13.99
C GLN A 273 25.17 -11.68 -12.98
N ASN A 274 25.73 -10.92 -12.05
CA ASN A 274 26.86 -11.40 -11.21
C ASN A 274 26.46 -11.52 -9.73
N GLY A 275 25.37 -10.89 -9.29
CA GLY A 275 25.03 -10.78 -7.86
C GLY A 275 25.94 -9.78 -7.18
N MET A 276 25.94 -9.72 -5.86
CA MET A 276 26.68 -8.68 -5.09
C MET A 276 28.07 -9.20 -4.68
N ASN A 277 28.37 -10.47 -4.95
CA ASN A 277 29.65 -11.13 -4.56
C ASN A 277 29.94 -10.79 -3.09
N GLY A 278 28.93 -10.97 -2.23
CA GLY A 278 29.08 -10.90 -0.76
C GLY A 278 29.05 -9.49 -0.18
N ARG A 279 28.75 -8.48 -1.02
N ARG A 279 28.74 -8.48 -1.00
CA ARG A 279 28.67 -7.07 -0.57
CA ARG A 279 28.69 -7.07 -0.55
C ARG A 279 27.21 -6.72 -0.29
C ARG A 279 27.22 -6.70 -0.31
N THR A 280 26.97 -5.55 0.31
CA THR A 280 25.61 -5.05 0.59
C THR A 280 25.46 -3.63 0.08
N ILE A 281 24.21 -3.25 -0.13
CA ILE A 281 23.77 -1.89 -0.57
C ILE A 281 22.74 -1.42 0.44
N LEU A 282 23.05 -0.33 1.16
CA LEU A 282 22.13 0.27 2.15
C LEU A 282 21.61 -0.84 3.09
N GLY A 283 22.50 -1.72 3.51
CA GLY A 283 22.21 -2.74 4.53
C GLY A 283 21.42 -3.92 3.99
N SER A 284 21.34 -4.06 2.67
CA SER A 284 20.60 -5.16 2.00
C SER A 284 21.55 -5.99 1.12
N ALA A 285 21.36 -7.30 1.13
CA ALA A 285 22.07 -8.23 0.23
C ALA A 285 21.15 -8.57 -0.96
N LEU A 286 20.00 -7.90 -1.07
CA LEU A 286 19.04 -8.03 -2.21
C LEU A 286 18.85 -6.67 -2.87
N LEU A 287 18.39 -6.68 -4.11
CA LEU A 287 18.07 -5.42 -4.82
C LEU A 287 16.67 -5.02 -4.38
N GLU A 288 16.52 -3.85 -3.77
CA GLU A 288 15.27 -3.39 -3.12
C GLU A 288 14.42 -2.58 -4.11
N ASP A 289 13.13 -2.90 -4.20
CA ASP A 289 12.27 -2.22 -5.20
C ASP A 289 11.03 -1.59 -4.57
N GLU A 290 10.98 -1.33 -3.25
CA GLU A 290 9.83 -0.69 -2.62
C GLU A 290 10.11 0.76 -2.24
N PHE A 291 11.10 1.39 -2.86
CA PHE A 291 11.26 2.86 -2.77
C PHE A 291 11.07 3.49 -4.14
N THR A 292 10.16 4.46 -4.24
CA THR A 292 9.95 5.20 -5.50
C THR A 292 11.01 6.29 -5.63
N PRO A 293 11.22 6.81 -6.85
CA PRO A 293 12.10 7.97 -7.00
C PRO A 293 11.70 9.12 -6.05
N PHE A 294 10.38 9.32 -5.86
CA PHE A 294 9.86 10.39 -4.96
C PHE A 294 10.30 10.11 -3.52
N ASP A 295 10.16 8.86 -3.07
CA ASP A 295 10.57 8.44 -1.72
C ASP A 295 12.04 8.81 -1.50
N VAL A 296 12.88 8.59 -2.51
CA VAL A 296 14.33 8.82 -2.38
C VAL A 296 14.56 10.34 -2.29
N VAL A 297 13.98 11.10 -3.21
CA VAL A 297 14.13 12.59 -3.19
C VAL A 297 13.63 13.16 -1.86
N ARG A 298 12.48 12.70 -1.36
CA ARG A 298 11.83 13.23 -0.13
C ARG A 298 12.78 12.99 1.04
N GLN A 299 13.35 11.79 1.11
CA GLN A 299 14.14 11.39 2.29
C GLN A 299 15.55 11.93 2.20
N CYS A 300 16.15 11.92 1.01
CA CYS A 300 17.54 12.38 0.76
C CYS A 300 17.51 13.89 0.44
N SER A 301 16.43 14.58 0.85
CA SER A 301 16.30 16.05 1.05
C SER A 301 15.09 16.34 1.94
C ACE B 1 -9.24 -15.39 1.61
O ACE B 1 -10.37 -15.72 1.62
CH3 ACE B 1 -8.48 -15.32 0.30
N LEU B 2 -8.54 -15.05 2.85
CA LEU B 2 -9.13 -15.03 4.17
C LEU B 2 -9.50 -13.60 4.45
N LEU B 3 -10.88 -13.30 4.66
CA LEU B 3 -11.34 -11.97 4.93
C LEU B 3 -10.93 -11.69 6.36
N 2DO B 4 -10.15 -10.52 6.60
CA 2DO B 4 -9.65 -10.15 7.92
C 2DO B 4 -10.23 -8.82 8.38
CB 2DO B 4 -8.12 -9.97 7.79
CG 2DO B 4 -7.30 -11.24 7.91
CD 2DO B 4 -5.80 -10.90 7.88
CE 2DO B 4 -4.94 -12.14 8.13
O 2DO B 4 -10.01 -8.49 9.54
S SO4 C . 15.00 -0.48 6.51
O1 SO4 C . 15.34 -0.93 5.19
O2 SO4 C . 13.70 -0.99 6.88
O3 SO4 C . 15.99 -0.96 7.45
O4 SO4 C . 14.97 0.96 6.52
#